data_4DZY
#
_entry.id   4DZY
#
_cell.length_a   127.326
_cell.length_b   127.326
_cell.length_c   73.249
_cell.angle_alpha   90.00
_cell.angle_beta   90.00
_cell.angle_gamma   90.00
#
_symmetry.space_group_name_H-M   'P 42 21 2'
#
loop_
_entity.id
_entity.type
_entity.pdbx_description
1 polymer '[3-methyl-2-oxobutanoate dehydrogenase [lipoamide]] kinase, mitochondrial'
2 non-polymer "ADENOSINE-5'-DIPHOSPHATE"
3 non-polymer 'MAGNESIUM ION'
4 non-polymer 'POTASSIUM ION'
5 non-polymer '(S)-2-chloro-3-phenylpropanoic acid'
6 water water
#
_entity_poly.entity_id   1
_entity_poly.type   'polypeptide(L)'
_entity_poly.pdbx_seq_one_letter_code
;MILTSVLGSGPRSGSSLWPLLGSSLSLRVRSTSATDTHHVELARERSKTVTSFYNQSAIDVVAEKPSVRLTPTMMLYSGR
SQDGSHLLKSGRYLQQELPVRIAHRIKGFRSLPFIIGCNPTILHVHELYIRAFQKLTDFPPIKDQADEAQYCQLVRQLLD
DHKDVVTLLAEGLRESRKHIEDEKLVRYFLDKTLTSRLGIRMLATHHLALHEDKPDFVGIICTRLSPKKIIEKWVDFARR
LCEHKYGNAPRVRINGHVAARFPFIPMPLDYILPELLKNAMRATMESHLDTPYNVPDVVITIANNDVDLIIRISDRGGGI
AHKDLDRVMDYHFTTAEASTQDPRISPLFGHLDMHSGGQSGPMHGFGFGLPTSRAYAEYLGGSLQLQSLQGIGTDVYLRL
RHIDGREESFRIHHHHHH
;
_entity_poly.pdbx_strand_id   A
#
loop_
_chem_comp.id
_chem_comp.type
_chem_comp.name
_chem_comp.formula
ADP non-polymer ADENOSINE-5'-DIPHOSPHATE 'C10 H15 N5 O10 P2'
K non-polymer 'POTASSIUM ION' 'K 1'
MG non-polymer 'MAGNESIUM ION' 'Mg 2'
WJ1 non-polymer '(S)-2-chloro-3-phenylpropanoic acid' 'C9 H9 Cl O2'
#
# COMPACT_ATOMS: atom_id res chain seq x y z
N ARG A 69 7.21 -16.22 -9.13
CA ARG A 69 7.17 -15.01 -9.95
C ARG A 69 7.21 -13.75 -9.07
N LEU A 70 7.80 -12.68 -9.59
CA LEU A 70 8.43 -11.66 -8.75
C LEU A 70 7.80 -10.27 -8.68
N THR A 71 7.85 -9.68 -7.48
CA THR A 71 7.81 -8.23 -7.31
C THR A 71 9.27 -7.81 -7.55
N PRO A 72 9.60 -6.51 -7.43
CA PRO A 72 10.96 -6.14 -7.88
C PRO A 72 12.09 -6.78 -7.06
N THR A 73 12.84 -7.70 -7.68
CA THR A 73 13.99 -8.35 -7.06
C THR A 73 13.61 -9.14 -5.81
N MET A 74 12.31 -9.14 -5.53
CA MET A 74 11.74 -9.95 -4.46
C MET A 74 10.90 -11.02 -5.16
N MET A 75 11.19 -12.29 -4.89
CA MET A 75 10.42 -13.36 -5.49
C MET A 75 9.43 -13.97 -4.51
N LEU A 76 8.17 -14.08 -4.93
CA LEU A 76 7.16 -14.75 -4.14
C LEU A 76 7.05 -16.21 -4.57
N TYR A 77 7.41 -17.10 -3.65
CA TYR A 77 7.47 -18.54 -3.92
C TYR A 77 6.11 -19.16 -4.21
N SER A 78 5.96 -19.70 -5.41
CA SER A 78 4.74 -20.42 -5.78
C SER A 78 4.96 -21.94 -5.66
N GLY A 79 6.15 -22.32 -5.21
CA GLY A 79 6.48 -23.72 -4.99
C GLY A 79 5.50 -24.40 -4.04
N ARG A 80 5.42 -25.72 -4.14
CA ARG A 80 4.53 -26.51 -3.29
C ARG A 80 4.94 -27.97 -3.21
N SER A 81 4.96 -28.50 -1.99
CA SER A 81 5.32 -29.89 -1.75
C SER A 81 4.43 -30.45 -0.64
N GLN A 82 4.29 -31.77 -0.59
CA GLN A 82 3.49 -32.39 0.46
C GLN A 82 4.32 -32.56 1.74
N ASP A 83 5.61 -32.83 1.57
CA ASP A 83 6.51 -32.93 2.72
C ASP A 83 6.68 -31.58 3.41
N GLY A 84 6.22 -30.51 2.75
CA GLY A 84 6.31 -29.17 3.30
C GLY A 84 7.70 -28.58 3.19
N SER A 85 8.49 -29.09 2.25
CA SER A 85 9.84 -28.60 2.03
C SER A 85 9.86 -27.23 1.37
N HIS A 86 8.78 -26.90 0.66
CA HIS A 86 8.65 -25.57 0.06
C HIS A 86 8.61 -24.50 1.16
N LEU A 87 8.11 -24.89 2.32
CA LEU A 87 8.04 -23.99 3.47
C LEU A 87 9.40 -23.72 4.08
N LEU A 88 10.33 -24.69 3.96
CA LEU A 88 11.67 -24.52 4.50
C LEU A 88 12.49 -23.67 3.56
N LYS A 89 12.28 -23.85 2.26
CA LYS A 89 13.00 -23.07 1.28
C LYS A 89 12.56 -21.62 1.34
N SER A 90 11.25 -21.41 1.48
CA SER A 90 10.69 -20.08 1.66
C SER A 90 11.25 -19.44 2.92
N GLY A 91 11.10 -20.13 4.04
CA GLY A 91 11.62 -19.65 5.31
C GLY A 91 13.09 -19.27 5.25
N ARG A 92 13.88 -20.08 4.56
CA ARG A 92 15.30 -19.81 4.42
C ARG A 92 15.54 -18.58 3.56
N TYR A 93 14.70 -18.41 2.53
CA TYR A 93 14.78 -17.23 1.67
C TYR A 93 14.55 -15.95 2.50
N LEU A 94 13.44 -15.92 3.22
CA LEU A 94 13.15 -14.81 4.13
C LEU A 94 14.32 -14.54 5.06
N GLN A 95 14.85 -15.60 5.65
CA GLN A 95 15.90 -15.46 6.65
C GLN A 95 17.13 -14.78 6.06
N GLN A 96 17.40 -15.03 4.79
CA GLN A 96 18.55 -14.41 4.13
C GLN A 96 18.21 -13.00 3.64
N GLU A 97 16.93 -12.78 3.34
CA GLU A 97 16.50 -11.56 2.67
C GLU A 97 16.10 -10.41 3.63
N LEU A 98 15.34 -10.74 4.66
CA LEU A 98 14.84 -9.71 5.55
C LEU A 98 15.92 -8.86 6.27
N PRO A 99 16.97 -9.51 6.80
CA PRO A 99 17.95 -8.69 7.53
C PRO A 99 18.61 -7.62 6.65
N VAL A 100 18.96 -8.00 5.42
CA VAL A 100 19.55 -7.08 4.46
C VAL A 100 18.62 -5.92 4.18
N ARG A 101 17.34 -6.21 3.94
CA ARG A 101 16.40 -5.13 3.67
C ARG A 101 16.16 -4.23 4.89
N ILE A 102 16.11 -4.82 6.08
CA ILE A 102 16.01 -3.99 7.28
C ILE A 102 17.29 -3.15 7.48
N ALA A 103 18.45 -3.71 7.16
CA ALA A 103 19.69 -2.92 7.24
C ALA A 103 19.58 -1.68 6.36
N HIS A 104 19.06 -1.86 5.16
CA HIS A 104 18.86 -0.72 4.26
C HIS A 104 17.97 0.34 4.88
N ARG A 105 16.88 -0.07 5.53
CA ARG A 105 16.01 0.93 6.15
C ARG A 105 16.74 1.67 7.26
N ILE A 106 17.54 0.95 8.04
CA ILE A 106 18.29 1.59 9.11
C ILE A 106 19.28 2.62 8.53
N LYS A 107 19.95 2.26 7.43
CA LYS A 107 20.84 3.22 6.76
C LYS A 107 20.07 4.46 6.32
N GLY A 108 18.83 4.26 5.88
CA GLY A 108 17.95 5.37 5.56
C GLY A 108 17.76 6.30 6.75
N PHE A 109 17.50 5.74 7.93
CA PHE A 109 17.33 6.59 9.11
C PHE A 109 18.65 7.31 9.47
N ARG A 110 19.76 6.60 9.37
CA ARG A 110 21.06 7.16 9.71
C ARG A 110 21.39 8.37 8.86
N SER A 111 20.80 8.43 7.67
CA SER A 111 21.15 9.50 6.72
C SER A 111 20.16 10.63 6.70
N LEU A 112 19.06 10.49 7.43
CA LEU A 112 18.13 11.61 7.56
C LEU A 112 18.86 12.82 8.09
N PRO A 113 18.45 14.03 7.66
CA PRO A 113 18.99 15.23 8.29
C PRO A 113 18.93 15.11 9.80
N PHE A 114 20.03 15.48 10.46
CA PHE A 114 20.18 15.39 11.90
C PHE A 114 18.93 15.87 12.66
N ILE A 115 18.46 17.05 12.32
CA ILE A 115 17.35 17.69 13.03
C ILE A 115 16.04 16.90 12.93
N ILE A 116 15.82 16.24 11.79
CA ILE A 116 14.66 15.36 11.62
C ILE A 116 14.91 14.08 12.37
N GLY A 117 16.12 13.52 12.22
CA GLY A 117 16.47 12.29 12.90
C GLY A 117 16.35 12.36 14.42
N CYS A 118 16.47 13.56 14.98
CA CYS A 118 16.39 13.73 16.42
C CYS A 118 14.95 13.79 16.95
N ASN A 119 13.97 13.99 16.07
CA ASN A 119 12.58 13.93 16.47
C ASN A 119 12.32 12.63 17.24
N PRO A 120 11.67 12.73 18.41
CA PRO A 120 11.45 11.51 19.23
C PRO A 120 10.60 10.41 18.55
N THR A 121 9.61 10.80 17.75
CA THR A 121 8.85 9.77 17.02
C THR A 121 9.71 9.11 15.95
N ILE A 122 10.51 9.91 15.25
CA ILE A 122 11.43 9.33 14.27
C ILE A 122 12.41 8.41 14.96
N LEU A 123 12.92 8.84 16.11
CA LEU A 123 13.86 8.00 16.86
C LEU A 123 13.20 6.68 17.28
N HIS A 124 11.94 6.76 17.69
CA HIS A 124 11.20 5.56 18.05
C HIS A 124 11.19 4.57 16.89
N VAL A 125 10.84 5.07 15.70
CA VAL A 125 10.75 4.18 14.56
C VAL A 125 12.13 3.64 14.18
N HIS A 126 13.14 4.52 14.25
CA HIS A 126 14.52 4.12 14.00
C HIS A 126 14.88 2.94 14.93
N GLU A 127 14.55 3.08 16.21
CA GLU A 127 14.79 1.99 17.19
C GLU A 127 14.03 0.70 16.86
N LEU A 128 12.76 0.84 16.46
CA LEU A 128 12.00 -0.33 16.03
C LEU A 128 12.73 -1.12 14.96
N TYR A 129 13.26 -0.41 13.96
CA TYR A 129 13.98 -1.10 12.90
C TYR A 129 15.26 -1.77 13.41
N ILE A 130 15.96 -1.12 14.31
CA ILE A 130 17.15 -1.71 14.94
C ILE A 130 16.77 -3.00 15.67
N ARG A 131 15.74 -2.92 16.51
CA ARG A 131 15.23 -4.10 17.20
C ARG A 131 14.90 -5.22 16.22
N ALA A 132 14.22 -4.86 15.13
CA ALA A 132 13.85 -5.87 14.13
C ALA A 132 15.09 -6.51 13.54
N PHE A 133 16.09 -5.69 13.25
CA PHE A 133 17.32 -6.26 12.70
C PHE A 133 17.96 -7.21 13.72
N GLN A 134 17.95 -6.80 14.98
CA GLN A 134 18.53 -7.61 16.05
C GLN A 134 17.83 -8.96 16.18
N LYS A 135 16.50 -8.94 16.24
CA LYS A 135 15.75 -10.17 16.36
C LYS A 135 15.95 -11.07 15.16
N LEU A 136 15.96 -10.47 13.96
CA LEU A 136 16.12 -11.26 12.75
C LEU A 136 17.50 -11.92 12.68
N THR A 137 18.54 -11.18 13.05
CA THR A 137 19.89 -11.73 12.93
C THR A 137 20.23 -12.69 14.08
N ASP A 138 19.55 -12.55 15.21
CA ASP A 138 19.74 -13.46 16.33
C ASP A 138 19.04 -14.79 16.11
N PHE A 139 18.10 -14.83 15.17
CA PHE A 139 17.38 -16.06 14.93
C PHE A 139 18.27 -17.04 14.19
N PRO A 140 18.35 -18.28 14.69
CA PRO A 140 19.24 -19.33 14.17
C PRO A 140 18.81 -19.75 12.77
N PRO A 141 19.78 -20.18 11.95
CA PRO A 141 19.48 -20.71 10.62
C PRO A 141 18.42 -21.80 10.68
N ILE A 142 17.46 -21.74 9.76
CA ILE A 142 16.36 -22.69 9.75
C ILE A 142 16.82 -24.04 9.20
N LYS A 143 16.55 -25.10 9.95
CA LYS A 143 16.96 -26.45 9.56
C LYS A 143 15.78 -27.41 9.47
N ASP A 144 14.76 -27.17 10.29
CA ASP A 144 13.62 -28.07 10.32
C ASP A 144 12.30 -27.32 10.49
N GLN A 145 11.20 -28.07 10.45
CA GLN A 145 9.86 -27.48 10.54
C GLN A 145 9.61 -26.78 11.88
N ALA A 146 10.24 -27.26 12.94
CA ALA A 146 10.13 -26.60 14.23
C ALA A 146 10.79 -25.22 14.16
N ASP A 147 11.93 -25.14 13.50
CA ASP A 147 12.60 -23.86 13.31
C ASP A 147 11.67 -22.90 12.55
N GLU A 148 11.27 -23.31 11.35
CA GLU A 148 10.41 -22.53 10.47
C GLU A 148 9.19 -22.05 11.21
N ALA A 149 8.51 -22.96 11.90
CA ALA A 149 7.33 -22.61 12.68
C ALA A 149 7.62 -21.49 13.66
N GLN A 150 8.82 -21.49 14.23
CA GLN A 150 9.16 -20.49 15.23
C GLN A 150 9.50 -19.16 14.57
N TYR A 151 10.24 -19.25 13.48
CA TYR A 151 10.51 -18.08 12.66
C TYR A 151 9.21 -17.36 12.27
N CYS A 152 8.17 -18.12 11.90
CA CYS A 152 6.85 -17.54 11.59
C CYS A 152 6.30 -16.73 12.75
N GLN A 153 6.55 -17.19 13.97
CA GLN A 153 6.09 -16.46 15.14
C GLN A 153 6.79 -15.10 15.22
N LEU A 154 8.06 -15.10 14.85
CA LEU A 154 8.85 -13.87 14.89
C LEU A 154 8.30 -12.90 13.82
N VAL A 155 8.17 -13.40 12.61
CA VAL A 155 7.61 -12.63 11.51
C VAL A 155 6.26 -12.01 11.89
N ARG A 156 5.38 -12.80 12.51
CA ARG A 156 4.09 -12.28 12.95
CA ARG A 156 4.10 -12.29 12.96
C ARG A 156 4.24 -11.16 13.96
N GLN A 157 5.17 -11.32 14.91
CA GLN A 157 5.39 -10.30 15.92
C GLN A 157 5.85 -8.98 15.27
N LEU A 158 6.75 -9.10 14.30
CA LEU A 158 7.32 -7.90 13.69
C LEU A 158 6.24 -7.22 12.85
N LEU A 159 5.49 -8.03 12.10
CA LEU A 159 4.37 -7.49 11.32
C LEU A 159 3.46 -6.62 12.20
N ASP A 160 3.12 -7.14 13.38
CA ASP A 160 2.28 -6.41 14.32
C ASP A 160 2.95 -5.19 14.97
N ASP A 161 4.19 -5.38 15.46
CA ASP A 161 4.96 -4.29 16.08
C ASP A 161 5.10 -3.07 15.16
N HIS A 162 5.20 -3.32 13.87
CA HIS A 162 5.46 -2.27 12.88
C HIS A 162 4.20 -1.78 12.13
N LYS A 163 3.02 -2.16 12.60
CA LYS A 163 1.80 -1.90 11.86
C LYS A 163 1.41 -0.42 11.80
N ASP A 164 1.86 0.36 12.78
CA ASP A 164 1.57 1.79 12.81
C ASP A 164 2.70 2.67 12.26
N VAL A 165 3.69 2.06 11.64
CA VAL A 165 4.89 2.76 11.18
C VAL A 165 4.58 3.93 10.24
N VAL A 166 3.68 3.75 9.28
CA VAL A 166 3.35 4.85 8.37
C VAL A 166 2.83 6.07 9.13
N THR A 167 1.95 5.82 10.10
CA THR A 167 1.35 6.87 10.88
C THR A 167 2.39 7.59 11.72
N LEU A 168 3.30 6.83 12.29
CA LEU A 168 4.35 7.39 13.14
C LEU A 168 5.31 8.25 12.30
N LEU A 169 5.70 7.76 11.13
CA LEU A 169 6.55 8.56 10.26
C LEU A 169 5.85 9.85 9.85
N ALA A 170 4.57 9.76 9.51
CA ALA A 170 3.82 10.95 9.14
C ALA A 170 3.88 12.00 10.25
N GLU A 171 3.62 11.55 11.48
CA GLU A 171 3.63 12.43 12.65
C GLU A 171 5.01 13.03 12.89
N GLY A 172 6.02 12.17 12.91
CA GLY A 172 7.36 12.58 13.24
C GLY A 172 7.91 13.57 12.24
N LEU A 173 7.46 13.44 11.00
CA LEU A 173 7.99 14.23 9.89
C LEU A 173 7.21 15.51 9.70
N ARG A 174 5.99 15.53 10.19
CA ARG A 174 5.08 16.61 9.85
C ARG A 174 5.74 17.97 10.04
N GLU A 175 6.21 18.26 11.25
CA GLU A 175 6.82 19.55 11.53
C GLU A 175 8.29 19.58 11.15
N SER A 176 9.02 18.56 11.62
CA SER A 176 10.47 18.53 11.47
C SER A 176 11.00 18.68 10.04
N ARG A 177 10.18 18.33 9.04
CA ARG A 177 10.62 18.46 7.66
C ARG A 177 10.73 19.92 7.24
N LYS A 178 9.96 20.78 7.90
CA LYS A 178 9.95 22.20 7.61
C LYS A 178 11.29 22.81 8.00
N HIS A 179 12.01 22.10 8.86
CA HIS A 179 13.30 22.56 9.36
C HIS A 179 14.40 22.50 8.32
N ILE A 180 14.18 21.74 7.25
CA ILE A 180 15.18 21.67 6.19
C ILE A 180 14.71 22.24 4.86
N GLU A 181 15.66 22.34 3.93
CA GLU A 181 15.56 23.17 2.74
C GLU A 181 15.33 22.34 1.48
N ASP A 182 15.73 21.07 1.54
CA ASP A 182 15.46 20.12 0.47
C ASP A 182 14.15 19.41 0.76
N GLU A 183 13.11 19.72 -0.01
CA GLU A 183 11.84 19.05 0.16
C GLU A 183 11.86 17.72 -0.57
N LYS A 184 12.80 17.61 -1.52
CA LYS A 184 13.03 16.37 -2.24
C LYS A 184 13.51 15.30 -1.27
N LEU A 185 14.22 15.73 -0.24
CA LEU A 185 14.87 14.80 0.67
C LEU A 185 13.86 13.90 1.40
N VAL A 186 12.84 14.51 2.00
CA VAL A 186 11.82 13.76 2.74
C VAL A 186 11.03 12.85 1.80
N ARG A 187 10.58 13.42 0.68
CA ARG A 187 9.88 12.66 -0.34
C ARG A 187 10.63 11.40 -0.75
N TYR A 188 11.90 11.56 -1.08
CA TYR A 188 12.75 10.43 -1.43
C TYR A 188 12.81 9.41 -0.28
N PHE A 189 13.05 9.89 0.94
CA PHE A 189 13.13 9.01 2.11
C PHE A 189 11.81 8.24 2.35
N LEU A 190 10.69 8.94 2.25
CA LEU A 190 9.42 8.27 2.43
C LEU A 190 9.12 7.30 1.28
N ASP A 191 9.31 7.72 0.04
CA ASP A 191 9.05 6.81 -1.08
C ASP A 191 9.84 5.54 -0.84
N LYS A 192 11.12 5.70 -0.51
CA LYS A 192 12.02 4.56 -0.40
C LYS A 192 11.65 3.67 0.80
N THR A 193 11.39 4.31 1.92
CA THR A 193 11.12 3.61 3.16
C THR A 193 9.77 2.89 3.07
N LEU A 194 8.74 3.60 2.62
CA LEU A 194 7.40 3.02 2.55
C LEU A 194 7.27 1.87 1.53
N THR A 195 7.88 2.01 0.37
CA THR A 195 7.85 0.97 -0.63
C THR A 195 8.70 -0.25 -0.22
N SER A 196 9.87 -0.04 0.39
CA SER A 196 10.66 -1.16 0.89
C SER A 196 9.85 -1.89 1.94
N ARG A 197 9.17 -1.12 2.79
CA ARG A 197 8.31 -1.68 3.81
C ARG A 197 7.17 -2.53 3.22
N LEU A 198 6.56 -2.05 2.15
CA LEU A 198 5.47 -2.80 1.51
C LEU A 198 6.02 -4.13 0.99
N GLY A 199 7.18 -4.06 0.35
CA GLY A 199 7.83 -5.22 -0.21
C GLY A 199 8.14 -6.25 0.85
N ILE A 200 8.60 -5.77 2.00
CA ILE A 200 8.94 -6.66 3.11
C ILE A 200 7.67 -7.30 3.68
N ARG A 201 6.64 -6.49 3.87
CA ARG A 201 5.42 -7.04 4.44
C ARG A 201 4.77 -8.02 3.47
N MET A 202 4.93 -7.78 2.16
CA MET A 202 4.38 -8.70 1.16
C MET A 202 5.09 -10.06 1.23
N LEU A 203 6.42 -10.03 1.21
CA LEU A 203 7.18 -11.27 1.32
C LEU A 203 6.82 -12.01 2.61
N ALA A 204 6.81 -11.28 3.71
CA ALA A 204 6.53 -11.86 5.02
C ALA A 204 5.14 -12.48 5.10
N THR A 205 4.12 -11.72 4.70
CA THR A 205 2.74 -12.21 4.66
C THR A 205 2.57 -13.38 3.69
N HIS A 206 3.31 -13.35 2.60
CA HIS A 206 3.28 -14.44 1.64
C HIS A 206 3.77 -15.74 2.30
N HIS A 207 4.84 -15.63 3.08
CA HIS A 207 5.37 -16.83 3.72
C HIS A 207 4.39 -17.42 4.72
N LEU A 208 3.86 -16.57 5.58
CA LEU A 208 2.83 -16.99 6.51
C LEU A 208 1.64 -17.64 5.78
N ALA A 209 1.28 -17.09 4.63
CA ALA A 209 0.08 -17.54 3.91
C ALA A 209 0.31 -18.89 3.25
N LEU A 210 1.56 -19.22 3.02
CA LEU A 210 1.85 -20.54 2.46
C LEU A 210 1.37 -21.67 3.37
N HIS A 211 1.19 -21.36 4.66
CA HIS A 211 0.68 -22.35 5.61
C HIS A 211 -0.83 -22.51 5.48
N GLU A 212 -1.48 -21.54 4.86
CA GLU A 212 -2.93 -21.58 4.71
C GLU A 212 -3.33 -22.53 3.58
N ASP A 213 -4.56 -23.01 3.61
CA ASP A 213 -5.08 -23.71 2.46
C ASP A 213 -6.40 -23.11 2.01
N LYS A 214 -6.43 -21.77 1.94
CA LYS A 214 -7.50 -21.07 1.27
C LYS A 214 -7.47 -21.48 -0.18
N PRO A 215 -8.64 -21.80 -0.75
CA PRO A 215 -8.68 -22.10 -2.18
C PRO A 215 -8.58 -20.82 -3.01
N ASP A 216 -7.98 -20.92 -4.19
CA ASP A 216 -7.74 -19.77 -5.06
C ASP A 216 -6.57 -18.90 -4.59
N PHE A 217 -5.82 -19.36 -3.59
CA PHE A 217 -4.62 -18.66 -3.14
C PHE A 217 -3.37 -19.54 -3.11
N VAL A 218 -2.28 -19.03 -3.67
CA VAL A 218 -0.96 -19.56 -3.42
C VAL A 218 -0.21 -18.51 -2.61
N GLY A 219 -0.35 -18.59 -1.28
CA GLY A 219 0.23 -17.60 -0.40
C GLY A 219 -0.63 -16.35 -0.41
N ILE A 220 -0.08 -15.21 -0.80
CA ILE A 220 -0.92 -14.03 -0.93
C ILE A 220 -1.35 -13.83 -2.39
N ILE A 221 -0.86 -14.69 -3.27
CA ILE A 221 -1.24 -14.62 -4.68
C ILE A 221 -2.61 -15.25 -4.94
N CYS A 222 -3.55 -14.43 -5.37
CA CYS A 222 -4.84 -14.97 -5.78
C CYS A 222 -4.70 -15.50 -7.21
N THR A 223 -5.16 -16.72 -7.42
CA THR A 223 -5.02 -17.37 -8.72
C THR A 223 -6.12 -16.93 -9.68
N ARG A 224 -7.19 -16.35 -9.14
CA ARG A 224 -8.29 -15.88 -9.99
C ARG A 224 -8.99 -14.69 -9.37
N LEU A 225 -8.23 -13.60 -9.20
CA LEU A 225 -8.77 -12.40 -8.59
C LEU A 225 -9.74 -11.71 -9.55
N SER A 226 -10.87 -11.27 -9.02
CA SER A 226 -11.82 -10.43 -9.75
C SER A 226 -11.69 -8.98 -9.29
N PRO A 227 -11.25 -8.11 -10.21
CA PRO A 227 -11.06 -6.69 -9.89
C PRO A 227 -12.38 -6.12 -9.40
N LYS A 228 -13.47 -6.55 -10.03
CA LYS A 228 -14.76 -6.00 -9.64
C LYS A 228 -15.06 -6.34 -8.19
N LYS A 229 -14.75 -7.57 -7.78
CA LYS A 229 -15.08 -7.98 -6.40
C LYS A 229 -14.28 -7.18 -5.38
N ILE A 230 -12.99 -7.01 -5.63
CA ILE A 230 -12.15 -6.30 -4.67
C ILE A 230 -12.48 -4.81 -4.62
N ILE A 231 -12.80 -4.23 -5.78
CA ILE A 231 -13.31 -2.86 -5.82
C ILE A 231 -14.58 -2.69 -4.97
N GLU A 232 -15.56 -3.56 -5.20
CA GLU A 232 -16.82 -3.52 -4.41
C GLU A 232 -16.58 -3.63 -2.92
N LYS A 233 -15.64 -4.51 -2.55
CA LYS A 233 -15.26 -4.65 -1.16
C LYS A 233 -14.90 -3.29 -0.59
N TRP A 234 -14.01 -2.59 -1.28
CA TRP A 234 -13.54 -1.29 -0.79
C TRP A 234 -14.56 -0.16 -0.95
N VAL A 235 -15.40 -0.27 -1.98
CA VAL A 235 -16.53 0.64 -2.14
C VAL A 235 -17.46 0.60 -0.91
N ASP A 236 -17.91 -0.61 -0.55
CA ASP A 236 -18.77 -0.78 0.63
C ASP A 236 -18.13 -0.13 1.85
N PHE A 237 -16.84 -0.40 2.03
CA PHE A 237 -16.06 0.20 3.10
C PHE A 237 -15.99 1.73 3.07
N ALA A 238 -15.73 2.29 1.88
CA ALA A 238 -15.54 3.74 1.82
C ALA A 238 -16.90 4.42 1.97
N ARG A 239 -17.94 3.79 1.43
CA ARG A 239 -19.28 4.34 1.51
C ARG A 239 -19.75 4.42 2.96
N ARG A 240 -19.49 3.37 3.73
CA ARG A 240 -19.81 3.37 5.16
C ARG A 240 -19.08 4.52 5.88
N LEU A 241 -17.78 4.67 5.62
CA LEU A 241 -17.05 5.77 6.24
C LEU A 241 -17.70 7.08 5.83
N CYS A 242 -17.95 7.23 4.53
CA CYS A 242 -18.50 8.46 3.99
C CYS A 242 -19.89 8.78 4.57
N GLU A 243 -20.80 7.81 4.55
CA GLU A 243 -22.12 7.95 5.18
C GLU A 243 -22.00 8.40 6.63
N HIS A 244 -21.04 7.86 7.37
CA HIS A 244 -20.87 8.22 8.77
C HIS A 244 -20.62 9.72 8.93
N LYS A 245 -19.88 10.30 7.99
CA LYS A 245 -19.51 11.71 8.09
C LYS A 245 -20.48 12.68 7.41
N TYR A 246 -21.13 12.24 6.35
CA TYR A 246 -21.92 13.18 5.54
C TYR A 246 -23.42 12.87 5.50
N GLY A 247 -23.80 11.69 5.96
CA GLY A 247 -25.20 11.30 5.96
C GLY A 247 -25.55 10.52 4.72
N ASN A 248 -24.67 10.58 3.72
CA ASN A 248 -24.89 9.87 2.48
C ASN A 248 -23.53 9.58 1.83
N ALA A 249 -23.54 8.80 0.76
CA ALA A 249 -22.32 8.52 0.02
C ALA A 249 -22.68 8.40 -1.43
N PRO A 250 -21.80 8.88 -2.32
CA PRO A 250 -22.08 8.63 -3.73
C PRO A 250 -22.25 7.15 -3.97
N ARG A 251 -23.14 6.80 -4.88
CA ARG A 251 -23.22 5.45 -5.38
C ARG A 251 -22.06 5.25 -6.32
N VAL A 252 -21.65 4.00 -6.50
CA VAL A 252 -20.55 3.72 -7.38
C VAL A 252 -21.00 2.81 -8.48
N ARG A 253 -20.71 3.19 -9.73
CA ARG A 253 -20.94 2.26 -10.83
C ARG A 253 -19.61 1.73 -11.27
N ILE A 254 -19.61 0.49 -11.72
CA ILE A 254 -18.41 -0.13 -12.22
C ILE A 254 -18.70 -0.65 -13.60
N ASN A 255 -17.86 -0.30 -14.58
CA ASN A 255 -18.05 -0.78 -15.94
C ASN A 255 -16.73 -1.24 -16.52
N GLY A 256 -16.76 -1.53 -17.82
CA GLY A 256 -15.62 -2.12 -18.49
C GLY A 256 -15.58 -3.63 -18.34
N HIS A 257 -14.39 -4.17 -18.08
CA HIS A 257 -14.18 -5.61 -18.03
C HIS A 257 -14.57 -6.19 -16.68
N VAL A 258 -15.86 -6.08 -16.35
CA VAL A 258 -16.37 -6.45 -15.04
C VAL A 258 -16.28 -7.95 -14.75
N ALA A 259 -15.99 -8.77 -15.76
CA ALA A 259 -15.99 -10.22 -15.57
C ALA A 259 -14.58 -10.77 -15.59
N ALA A 260 -13.61 -9.86 -15.60
CA ALA A 260 -12.22 -10.25 -15.67
C ALA A 260 -11.84 -11.07 -14.43
N ARG A 261 -11.07 -12.12 -14.65
CA ARG A 261 -10.47 -12.87 -13.56
C ARG A 261 -9.09 -13.31 -13.98
N PHE A 262 -8.13 -13.10 -13.09
CA PHE A 262 -6.74 -13.41 -13.39
C PHE A 262 -5.95 -13.52 -12.10
N PRO A 263 -4.78 -14.17 -12.17
CA PRO A 263 -3.85 -14.25 -11.03
C PRO A 263 -3.34 -12.86 -10.67
N PHE A 264 -3.42 -12.53 -9.39
CA PHE A 264 -3.06 -11.20 -8.94
C PHE A 264 -2.83 -11.15 -7.43
N ILE A 265 -1.99 -10.24 -7.00
CA ILE A 265 -1.80 -10.01 -5.57
C ILE A 265 -2.67 -8.86 -5.09
N PRO A 266 -3.65 -9.18 -4.24
CA PRO A 266 -4.65 -8.24 -3.70
C PRO A 266 -4.04 -7.14 -2.84
N MET A 267 -3.00 -7.46 -2.09
CA MET A 267 -2.53 -6.57 -1.01
C MET A 267 -2.30 -5.10 -1.44
N PRO A 268 -1.61 -4.86 -2.56
CA PRO A 268 -1.46 -3.45 -2.97
C PRO A 268 -2.80 -2.77 -3.23
N LEU A 269 -3.71 -3.48 -3.89
CA LEU A 269 -5.04 -2.94 -4.11
C LEU A 269 -5.75 -2.59 -2.80
N ASP A 270 -5.54 -3.43 -1.77
CA ASP A 270 -6.16 -3.19 -0.46
C ASP A 270 -5.63 -1.90 0.18
N TYR A 271 -4.42 -1.50 -0.14
CA TYR A 271 -4.02 -0.18 0.33
CA TYR A 271 -3.91 -0.20 0.30
C TYR A 271 -4.53 0.92 -0.58
N ILE A 272 -4.30 0.79 -1.87
CA ILE A 272 -4.60 1.88 -2.80
C ILE A 272 -6.09 2.18 -2.98
N LEU A 273 -6.89 1.14 -3.23
CA LEU A 273 -8.28 1.40 -3.58
C LEU A 273 -9.02 2.25 -2.55
N PRO A 274 -8.94 1.89 -1.26
CA PRO A 274 -9.65 2.70 -0.25
C PRO A 274 -9.17 4.14 -0.18
N GLU A 275 -7.87 4.38 -0.39
CA GLU A 275 -7.37 5.75 -0.42
C GLU A 275 -8.02 6.59 -1.52
N LEU A 276 -8.11 6.02 -2.73
CA LEU A 276 -8.65 6.75 -3.90
C LEU A 276 -10.16 6.91 -3.80
N LEU A 277 -10.82 5.89 -3.28
CA LEU A 277 -12.27 5.97 -3.06
C LEU A 277 -12.62 7.01 -2.00
N LYS A 278 -11.92 7.00 -0.88
CA LYS A 278 -12.12 8.02 0.12
C LYS A 278 -11.97 9.43 -0.48
N ASN A 279 -10.89 9.66 -1.24
CA ASN A 279 -10.69 10.93 -1.93
C ASN A 279 -11.88 11.30 -2.80
N ALA A 280 -12.33 10.36 -3.62
CA ALA A 280 -13.39 10.65 -4.59
C ALA A 280 -14.72 10.94 -3.90
N MET A 281 -15.01 10.21 -2.82
CA MET A 281 -16.27 10.42 -2.10
C MET A 281 -16.27 11.71 -1.32
N ARG A 282 -15.16 12.00 -0.68
CA ARG A 282 -15.02 13.23 0.07
C ARG A 282 -15.23 14.41 -0.88
N ALA A 283 -14.53 14.39 -2.02
CA ALA A 283 -14.62 15.50 -2.98
C ALA A 283 -16.07 15.66 -3.45
N THR A 284 -16.74 14.55 -3.72
CA THR A 284 -18.11 14.60 -4.19
C THR A 284 -19.05 15.22 -3.14
N MET A 285 -18.93 14.79 -1.88
CA MET A 285 -19.79 15.29 -0.82
C MET A 285 -19.56 16.78 -0.56
N GLU A 286 -18.29 17.18 -0.45
CA GLU A 286 -17.94 18.56 -0.11
C GLU A 286 -18.27 19.54 -1.22
N SER A 287 -18.61 19.02 -2.41
CA SER A 287 -18.96 19.93 -3.49
C SER A 287 -20.47 19.88 -3.71
N HIS A 288 -21.16 19.09 -2.89
CA HIS A 288 -22.62 18.97 -3.00
C HIS A 288 -23.30 19.14 -1.65
N LEU A 289 -22.81 20.08 -0.86
CA LEU A 289 -23.30 20.26 0.51
C LEU A 289 -24.79 20.59 0.59
N ASP A 290 -25.34 21.09 -0.51
CA ASP A 290 -26.74 21.50 -0.51
C ASP A 290 -27.69 20.38 -0.91
N THR A 291 -27.15 19.33 -1.51
CA THR A 291 -27.95 18.18 -1.92
C THR A 291 -27.27 16.86 -1.58
N PRO A 292 -26.91 16.66 -0.29
CA PRO A 292 -26.16 15.47 0.11
C PRO A 292 -26.95 14.21 -0.17
N TYR A 293 -28.26 14.37 -0.34
CA TYR A 293 -29.17 13.27 -0.62
C TYR A 293 -29.15 12.86 -2.08
N ASN A 294 -28.54 13.68 -2.92
CA ASN A 294 -28.49 13.40 -4.35
C ASN A 294 -27.19 13.92 -4.96
N VAL A 295 -26.17 13.05 -4.99
CA VAL A 295 -24.84 13.45 -5.46
C VAL A 295 -24.44 12.62 -6.68
N PRO A 296 -23.58 13.16 -7.54
CA PRO A 296 -23.18 12.40 -8.73
C PRO A 296 -22.50 11.09 -8.35
N ASP A 297 -22.77 10.03 -9.08
CA ASP A 297 -22.10 8.75 -8.90
C ASP A 297 -20.61 8.88 -9.09
N VAL A 298 -19.87 7.99 -8.44
CA VAL A 298 -18.47 7.81 -8.75
C VAL A 298 -18.48 6.69 -9.76
N VAL A 299 -17.72 6.84 -10.82
CA VAL A 299 -17.76 5.83 -11.86
C VAL A 299 -16.40 5.19 -12.02
N ILE A 300 -16.38 3.86 -12.01
CA ILE A 300 -15.14 3.12 -12.08
C ILE A 300 -15.08 2.21 -13.27
N THR A 301 -14.04 2.37 -14.08
CA THR A 301 -13.86 1.54 -15.26
C THR A 301 -12.65 0.64 -15.11
N ILE A 302 -12.84 -0.64 -15.45
CA ILE A 302 -11.80 -1.66 -15.35
C ILE A 302 -11.39 -1.99 -16.76
N ALA A 303 -10.11 -1.87 -17.05
CA ALA A 303 -9.61 -2.32 -18.33
C ALA A 303 -8.54 -3.36 -18.07
N ASN A 304 -8.77 -4.56 -18.59
CA ASN A 304 -7.85 -5.68 -18.44
C ASN A 304 -7.27 -6.07 -19.79
N ASN A 305 -5.96 -5.95 -19.97
CA ASN A 305 -5.33 -6.36 -21.21
C ASN A 305 -4.16 -7.28 -20.85
N ASP A 306 -3.32 -7.64 -21.82
CA ASP A 306 -2.26 -8.61 -21.54
C ASP A 306 -1.08 -8.02 -20.78
N VAL A 307 -0.98 -6.70 -20.76
CA VAL A 307 0.16 -6.06 -20.10
C VAL A 307 -0.18 -5.61 -18.68
N ASP A 308 -1.28 -4.87 -18.55
CA ASP A 308 -1.65 -4.33 -17.26
C ASP A 308 -3.13 -4.36 -16.98
N LEU A 309 -3.46 -4.11 -15.71
CA LEU A 309 -4.80 -3.85 -15.26
C LEU A 309 -4.90 -2.34 -15.01
N ILE A 310 -5.95 -1.72 -15.53
CA ILE A 310 -6.16 -0.28 -15.36
C ILE A 310 -7.47 -0.08 -14.64
N ILE A 311 -7.45 0.67 -13.56
CA ILE A 311 -8.68 0.98 -12.87
C ILE A 311 -8.80 2.50 -12.85
N ARG A 312 -9.77 3.02 -13.62
CA ARG A 312 -10.05 4.46 -13.61
C ARG A 312 -11.18 4.80 -12.65
N ILE A 313 -10.92 5.72 -11.73
CA ILE A 313 -11.91 6.17 -10.78
C ILE A 313 -12.28 7.62 -11.06
N SER A 314 -13.51 7.85 -11.54
CA SER A 314 -13.94 9.17 -12.00
C SER A 314 -15.03 9.73 -11.12
N ASP A 315 -14.83 10.94 -10.63
CA ASP A 315 -15.84 11.58 -9.79
C ASP A 315 -16.27 12.91 -10.43
N ARG A 316 -17.40 13.45 -9.96
CA ARG A 316 -17.82 14.78 -10.34
C ARG A 316 -17.73 15.66 -9.13
N GLY A 317 -16.62 15.57 -8.41
CA GLY A 317 -16.42 16.32 -7.17
C GLY A 317 -15.78 17.67 -7.32
N GLY A 318 -15.74 18.21 -8.54
CA GLY A 318 -15.27 19.57 -8.75
C GLY A 318 -13.81 19.72 -9.16
N GLY A 319 -13.03 18.65 -9.08
CA GLY A 319 -11.64 18.69 -9.54
C GLY A 319 -10.63 19.12 -8.50
N ILE A 320 -9.36 18.99 -8.86
CA ILE A 320 -8.26 19.49 -8.03
C ILE A 320 -7.82 20.86 -8.55
N ALA A 321 -7.91 21.88 -7.70
CA ALA A 321 -7.67 23.25 -8.11
C ALA A 321 -6.27 23.44 -8.67
N HIS A 322 -6.15 24.33 -9.66
CA HIS A 322 -4.84 24.66 -10.21
C HIS A 322 -3.82 24.99 -9.13
N LYS A 323 -4.21 25.78 -8.12
CA LYS A 323 -3.28 26.16 -7.06
C LYS A 323 -2.79 24.97 -6.21
N ASP A 324 -3.58 23.91 -6.16
CA ASP A 324 -3.26 22.73 -5.35
C ASP A 324 -2.58 21.61 -6.13
N LEU A 325 -2.65 21.67 -7.44
CA LEU A 325 -2.29 20.55 -8.29
C LEU A 325 -0.86 20.07 -8.09
N ASP A 326 0.07 21.00 -7.92
CA ASP A 326 1.47 20.65 -7.80
C ASP A 326 1.84 20.20 -6.39
N ARG A 327 0.85 20.22 -5.50
CA ARG A 327 1.08 19.89 -4.09
C ARG A 327 0.41 18.58 -3.69
N VAL A 328 -0.61 18.15 -4.43
CA VAL A 328 -1.41 17.03 -3.95
C VAL A 328 -0.59 15.77 -3.82
N MET A 329 0.49 15.65 -4.59
CA MET A 329 1.33 14.47 -4.50
C MET A 329 2.46 14.59 -3.45
N ASP A 330 2.47 15.68 -2.69
CA ASP A 330 3.45 15.82 -1.61
C ASP A 330 2.98 15.08 -0.38
N TYR A 331 3.84 14.32 0.25
CA TYR A 331 3.49 13.83 1.57
C TYR A 331 3.08 14.99 2.48
N HIS A 332 2.09 14.76 3.35
CA HIS A 332 1.60 15.76 4.29
C HIS A 332 0.64 16.81 3.72
N PHE A 333 0.66 17.06 2.41
CA PHE A 333 -0.26 18.07 1.90
C PHE A 333 -1.73 17.63 1.97
N THR A 334 -2.57 18.37 2.66
CA THR A 334 -3.98 18.05 2.66
C THR A 334 -4.77 19.34 2.65
N THR A 335 -5.95 19.34 2.05
CA THR A 335 -6.84 20.49 2.14
C THR A 335 -7.93 20.31 3.20
N ALA A 336 -7.86 19.23 3.97
CA ALA A 336 -8.88 18.99 5.01
C ALA A 336 -8.52 19.71 6.32
N GLY A 365 -7.92 13.14 6.24
CA GLY A 365 -6.79 12.39 6.76
C GLY A 365 -5.54 13.23 6.95
N PHE A 366 -4.38 12.58 6.90
CA PHE A 366 -3.12 13.29 7.12
C PHE A 366 -2.26 13.49 5.86
N GLY A 367 -2.88 13.41 4.69
CA GLY A 367 -2.22 13.79 3.46
C GLY A 367 -1.21 12.79 2.95
N PHE A 368 -1.43 11.51 3.20
CA PHE A 368 -0.50 10.50 2.74
C PHE A 368 -1.08 9.65 1.60
N GLY A 369 -2.39 9.71 1.45
CA GLY A 369 -3.11 8.84 0.54
C GLY A 369 -2.56 8.79 -0.87
N LEU A 370 -2.42 9.95 -1.50
CA LEU A 370 -1.95 10.02 -2.88
C LEU A 370 -0.48 9.68 -3.09
N PRO A 371 0.43 10.32 -2.33
CA PRO A 371 1.86 10.03 -2.58
C PRO A 371 2.19 8.58 -2.25
N THR A 372 1.58 8.07 -1.18
CA THR A 372 1.77 6.67 -0.81
C THR A 372 1.26 5.72 -1.89
N SER A 373 0.04 5.94 -2.37
CA SER A 373 -0.50 5.08 -3.44
C SER A 373 0.36 5.14 -4.69
N ARG A 374 0.84 6.33 -5.04
CA ARG A 374 1.64 6.41 -6.23
C ARG A 374 2.97 5.65 -6.02
N ALA A 375 3.58 5.82 -4.86
CA ALA A 375 4.85 5.15 -4.59
C ALA A 375 4.65 3.63 -4.69
N TYR A 376 3.58 3.15 -4.08
CA TYR A 376 3.28 1.72 -4.14
C TYR A 376 3.08 1.24 -5.57
N ALA A 377 2.33 1.99 -6.38
CA ALA A 377 2.05 1.53 -7.75
C ALA A 377 3.34 1.49 -8.53
N GLU A 378 4.15 2.54 -8.42
CA GLU A 378 5.38 2.58 -9.19
C GLU A 378 6.40 1.50 -8.73
N TYR A 379 6.45 1.24 -7.43
CA TYR A 379 7.30 0.18 -6.89
C TYR A 379 6.97 -1.17 -7.57
N LEU A 380 5.68 -1.43 -7.78
CA LEU A 380 5.23 -2.67 -8.40
C LEU A 380 5.25 -2.64 -9.92
N GLY A 381 5.80 -1.57 -10.50
CA GLY A 381 5.92 -1.51 -11.95
C GLY A 381 4.71 -0.90 -12.64
N GLY A 382 3.83 -0.27 -11.86
CA GLY A 382 2.68 0.41 -12.44
C GLY A 382 2.76 1.91 -12.28
N SER A 383 1.61 2.57 -12.16
CA SER A 383 1.61 4.02 -12.04
C SER A 383 0.29 4.50 -11.49
N LEU A 384 0.27 5.75 -11.06
CA LEU A 384 -0.94 6.40 -10.62
C LEU A 384 -0.96 7.81 -11.20
N GLN A 385 -1.94 8.09 -12.05
CA GLN A 385 -1.99 9.37 -12.76
C GLN A 385 -3.31 10.09 -12.50
N LEU A 386 -3.24 11.41 -12.38
CA LEU A 386 -4.40 12.25 -12.10
C LEU A 386 -4.75 13.15 -13.28
N GLN A 387 -6.04 13.25 -13.60
CA GLN A 387 -6.49 14.22 -14.59
C GLN A 387 -7.56 15.10 -13.94
N SER A 388 -7.22 16.36 -13.72
CA SER A 388 -8.16 17.29 -13.07
C SER A 388 -8.98 18.06 -14.12
N LEU A 389 -10.31 18.00 -14.01
CA LEU A 389 -11.17 18.91 -14.76
C LEU A 389 -11.72 19.97 -13.81
N GLN A 390 -10.93 21.01 -13.56
CA GLN A 390 -11.33 22.03 -12.58
C GLN A 390 -12.73 22.58 -12.87
N GLY A 391 -13.59 22.51 -11.86
CA GLY A 391 -15.00 22.90 -11.97
C GLY A 391 -15.92 21.73 -12.21
N ILE A 392 -15.36 20.57 -12.57
CA ILE A 392 -16.18 19.41 -12.89
C ILE A 392 -15.85 18.18 -12.00
N GLY A 393 -14.58 17.77 -11.97
CA GLY A 393 -14.23 16.52 -11.35
C GLY A 393 -12.81 16.06 -11.64
N THR A 394 -12.50 14.87 -11.15
CA THR A 394 -11.15 14.30 -11.28
C THR A 394 -11.28 12.87 -11.79
N ASP A 395 -10.42 12.52 -12.73
CA ASP A 395 -10.23 11.11 -13.09
C ASP A 395 -8.90 10.65 -12.55
N VAL A 396 -8.90 9.51 -11.86
CA VAL A 396 -7.65 8.94 -11.33
C VAL A 396 -7.42 7.60 -12.00
N TYR A 397 -6.20 7.40 -12.50
CA TYR A 397 -5.90 6.18 -13.25
C TYR A 397 -4.86 5.39 -12.49
N LEU A 398 -5.27 4.23 -12.00
CA LEU A 398 -4.37 3.26 -11.39
C LEU A 398 -3.99 2.16 -12.38
N ARG A 399 -2.70 2.01 -12.66
CA ARG A 399 -2.25 0.92 -13.53
C ARG A 399 -1.32 -0.02 -12.75
N LEU A 400 -1.59 -1.32 -12.80
CA LEU A 400 -0.72 -2.30 -12.15
C LEU A 400 -0.40 -3.38 -13.17
N ARG A 401 0.88 -3.73 -13.29
CA ARG A 401 1.30 -4.75 -14.24
C ARG A 401 0.73 -6.11 -13.86
N HIS A 402 0.46 -6.92 -14.87
CA HIS A 402 0.00 -8.28 -14.63
C HIS A 402 1.14 -9.18 -14.17
N ILE A 403 0.78 -10.28 -13.53
CA ILE A 403 1.75 -11.31 -13.16
C ILE A 403 2.29 -12.00 -14.40
N ASP A 404 3.60 -12.01 -14.56
CA ASP A 404 4.21 -12.54 -15.78
C ASP A 404 4.09 -14.05 -15.92
N GLY A 405 3.78 -14.49 -17.13
CA GLY A 405 3.78 -15.90 -17.47
C GLY A 405 5.17 -16.40 -17.77
PB ADP B . -5.84 13.68 2.29
O1B ADP B . -5.85 15.19 2.23
O2B ADP B . -7.04 13.07 1.64
O3B ADP B . -5.51 13.07 3.64
PA ADP B . -4.41 12.73 -0.04
O1A ADP B . -2.96 12.53 -0.37
O2A ADP B . -5.27 11.52 -0.25
O3A ADP B . -4.48 13.27 1.48
O5' ADP B . -5.03 13.95 -0.92
C5' ADP B . -4.38 15.22 -0.96
C4' ADP B . -5.35 16.29 -1.41
O4' ADP B . -5.69 16.08 -2.79
C3' ADP B . -6.68 16.25 -0.69
O3' ADP B . -6.64 16.96 0.55
C2' ADP B . -7.62 16.90 -1.68
O2' ADP B . -7.50 18.32 -1.59
C1' ADP B . -7.03 16.52 -3.03
N9 ADP B . -7.73 15.43 -3.73
C8 ADP B . -7.35 14.14 -3.80
N7 ADP B . -8.20 13.41 -4.55
C5 ADP B . -9.15 14.27 -4.99
C6 ADP B . -10.34 14.16 -5.82
N6 ADP B . -10.70 12.97 -6.35
N1 ADP B . -11.06 15.28 -6.03
C2 ADP B . -10.73 16.46 -5.49
N3 ADP B . -9.66 16.63 -4.71
C4 ADP B . -8.84 15.59 -4.44
MG MG C . -6.96 10.87 1.13
K K D . -0.88 14.61 -0.22
O2 WJ1 E . 6.08 -3.09 8.72
C9 WJ1 E . 7.29 -3.03 8.66
O1 WJ1 E . 7.89 -1.86 8.85
C8 WJ1 E . 8.06 -4.28 8.39
CL1 WJ1 E . 9.52 -3.81 7.47
C7 WJ1 E . 8.42 -4.99 9.72
C6 WJ1 E . 8.79 -6.43 9.40
C1 WJ1 E . 10.12 -6.79 9.32
C5 WJ1 E . 7.79 -7.37 9.19
C4 WJ1 E . 8.15 -8.69 8.89
C3 WJ1 E . 9.49 -9.06 8.78
C2 WJ1 E . 10.47 -8.10 9.00
#